data_7I2S
#
_entry.id   7I2S
#
_cell.length_a   82.439
_cell.length_b   116.667
_cell.length_c   148.814
_cell.angle_alpha   90.00
_cell.angle_beta   90.00
_cell.angle_gamma   90.00
#
_symmetry.space_group_name_H-M   'I 2 2 2'
#
loop_
_entity.id
_entity.type
_entity.pdbx_description
1 polymer 'NS5 RNA-dependent RNA polymerase'
2 non-polymer 'ZINC ION'
3 non-polymer '2-(N-MORPHOLINO)-ETHANESULFONIC ACID'
4 non-polymer 'DIMETHYL SULFOXIDE'
5 non-polymer DI(HYDROXYETHYL)ETHER
6 non-polymer 'PHOSPHATE ION'
7 non-polymer 3-cyclohexyl-1-(morpholin-4-yl)propan-1-one
8 non-polymer 'CHLORIDE ION'
9 water water
#
_entity_poly.entity_id   1
_entity_poly.type   'polypeptide(L)'
_entity_poly.pdbx_seq_one_letter_code
;GPGIESETPNLDIIGKRIEKIKQEHETSWHYDQDHPYKTWAYHGSYETKQTGSASSMVNGVVRLLTKPWDIIPMVTQMAM
TDTTPFGQQRVFKEKVDTRTQEPKEGTKKLMKITAEWLWKELGKKKTPRMCTREEFTRKVRSNAALGAIFTDENKWKSAR
EAVEDSGFWELVDKERNLHLEGKCETCVYNMMGKREKKLGEFGKAKGSRAIWYMWLGARFLEFEALGFLNEDHWFSRENS
LSGVEGEGLHKLGYILRDVSKKEGGAMYADDTAGWDTRITLEDLKNEEMVTNHMEGEHKKLAEAIFKLTYQNKVVRVQRP
TPRGTVMDIISRRDQRGSGQVVTYGLNTFTNMEAQLIRQMEGEGVFKSIQHLTVTEEIAVKNWLVRVGRERLSRMAISGD
DCVVKPLDDRFASALTALNDMGKVRKDIQQWEPSRGWNDWTQVPFCSHHFHELIMKDGRVLVVPCRNQDELIGRARISQG
AGWSLRETACLGKSYAQMWSLMYFHRRDLRLAANAICSAVPSHWVPTSRTTWSIHATHEWMTTEDMLTVWNRVWIQENPW
MEDKTPVESWEEIPYLGKREDQWCGSLIGLTSRATWAKNIQTAINQVRSLIGNEEYTDYMPSMKRFRREEEEAGVLW
;
_entity_poly.pdbx_strand_id   A
#
loop_
_chem_comp.id
_chem_comp.type
_chem_comp.name
_chem_comp.formula
CL non-polymer 'CHLORIDE ION' 'Cl -1'
DMS non-polymer 'DIMETHYL SULFOXIDE' 'C2 H6 O S'
MES non-polymer '2-(N-MORPHOLINO)-ETHANESULFONIC ACID' 'C6 H13 N O4 S'
NW4 non-polymer 3-cyclohexyl-1-(morpholin-4-yl)propan-1-one 'C13 H23 N O2'
PEG non-polymer DI(HYDROXYETHYL)ETHER 'C4 H10 O3'
PO4 non-polymer 'PHOSPHATE ION' 'O4 P -3'
ZN non-polymer 'ZINC ION' 'Zn 2'
#
# COMPACT_ATOMS: atom_id res chain seq x y z
N ASN A 10 -1.68 15.42 -27.81
CA ASN A 10 -0.93 14.25 -28.37
C ASN A 10 0.53 14.70 -28.57
N LEU A 11 1.04 14.63 -29.81
CA LEU A 11 2.49 14.48 -30.12
C LEU A 11 3.26 15.76 -29.80
N ASP A 12 2.59 16.90 -29.66
CA ASP A 12 3.22 18.16 -29.18
C ASP A 12 3.75 17.95 -27.76
N ILE A 13 2.97 17.28 -26.89
CA ILE A 13 3.30 17.08 -25.44
C ILE A 13 4.27 15.90 -25.28
N ILE A 14 4.11 14.82 -26.06
CA ILE A 14 4.95 13.59 -25.91
C ILE A 14 6.06 13.52 -26.97
N GLY A 15 5.96 14.27 -28.09
CA GLY A 15 6.90 14.23 -29.24
C GLY A 15 8.36 14.41 -28.83
N LYS A 16 8.63 15.41 -27.99
CA LYS A 16 9.99 15.81 -27.53
C LYS A 16 10.67 14.64 -26.80
N ARG A 17 9.98 14.01 -25.85
CA ARG A 17 10.48 12.80 -25.13
C ARG A 17 10.78 11.70 -26.15
N ILE A 18 9.89 11.51 -27.12
CA ILE A 18 9.97 10.46 -28.17
C ILE A 18 11.19 10.80 -29.05
N GLU A 19 11.25 12.06 -29.53
CA GLU A 19 12.38 12.58 -30.36
C GLU A 19 13.71 12.21 -29.68
N LYS A 20 13.87 12.55 -28.40
CA LYS A 20 15.13 12.39 -27.63
C LYS A 20 15.56 10.92 -27.61
N ILE A 21 14.63 10.00 -27.29
CA ILE A 21 14.94 8.54 -27.16
C ILE A 21 15.38 8.00 -28.53
N LYS A 22 14.65 8.39 -29.59
CA LYS A 22 14.91 8.02 -31.01
C LYS A 22 16.41 8.11 -31.32
N GLN A 23 17.06 9.21 -30.93
CA GLN A 23 18.43 9.57 -31.37
C GLN A 23 19.50 8.82 -30.56
N GLU A 24 19.24 8.52 -29.29
CA GLU A 24 20.18 7.74 -28.45
C GLU A 24 20.28 6.31 -28.99
N HIS A 25 19.31 5.90 -29.80
CA HIS A 25 19.23 4.56 -30.44
C HIS A 25 18.98 4.76 -31.95
N GLU A 26 19.70 5.71 -32.57
CA GLU A 26 19.59 6.08 -34.02
C GLU A 26 20.00 4.88 -34.89
N THR A 27 20.85 3.98 -34.35
CA THR A 27 21.34 2.76 -35.04
C THR A 27 20.26 1.66 -35.07
N SER A 28 19.23 1.72 -34.21
CA SER A 28 18.28 0.60 -33.95
C SER A 28 16.81 0.94 -34.25
N TRP A 29 16.47 2.21 -34.51
CA TRP A 29 15.04 2.64 -34.63
C TRP A 29 14.37 1.92 -35.80
N HIS A 30 13.09 1.55 -35.66
CA HIS A 30 12.25 0.87 -36.68
C HIS A 30 10.80 0.80 -36.23
N TYR A 31 9.84 1.25 -37.07
CA TYR A 31 8.39 1.08 -36.82
C TYR A 31 8.03 -0.39 -37.10
N ASP A 32 8.28 -1.27 -36.12
CA ASP A 32 7.86 -2.71 -36.15
C ASP A 32 6.39 -2.78 -36.57
N GLN A 33 6.08 -3.67 -37.52
CA GLN A 33 4.73 -3.87 -38.08
C GLN A 33 4.00 -4.94 -37.26
N ASP A 34 4.75 -5.82 -36.57
CA ASP A 34 4.24 -6.92 -35.72
C ASP A 34 4.22 -6.48 -34.24
N HIS A 35 3.79 -5.25 -33.95
CA HIS A 35 3.68 -4.70 -32.56
C HIS A 35 2.38 -5.23 -31.92
N PRO A 36 2.43 -5.74 -30.67
CA PRO A 36 1.25 -6.33 -30.02
C PRO A 36 0.19 -5.35 -29.45
N TYR A 37 0.44 -4.05 -29.48
CA TYR A 37 -0.37 -3.04 -28.73
C TYR A 37 -1.65 -2.76 -29.51
N LYS A 38 -2.76 -2.65 -28.76
CA LYS A 38 -4.09 -2.25 -29.29
C LYS A 38 -4.57 -0.93 -28.69
N THR A 39 -4.49 -0.80 -27.35
CA THR A 39 -4.98 0.38 -26.58
C THR A 39 -3.83 1.35 -26.32
N TRP A 40 -2.59 0.85 -26.34
CA TRP A 40 -1.39 1.71 -26.12
C TRP A 40 -0.92 2.23 -27.48
N ALA A 41 -0.73 3.55 -27.62
CA ALA A 41 -0.18 4.10 -28.88
C ALA A 41 1.27 3.66 -29.03
N TYR A 42 1.62 3.14 -30.21
CA TYR A 42 2.98 2.61 -30.44
C TYR A 42 3.76 3.63 -31.27
N HIS A 43 5.06 3.75 -31.00
CA HIS A 43 5.83 4.80 -31.70
C HIS A 43 7.01 4.15 -32.41
N GLY A 44 7.77 3.31 -31.71
CA GLY A 44 8.96 2.71 -32.32
C GLY A 44 9.63 1.69 -31.43
N SER A 45 10.73 1.11 -31.90
CA SER A 45 11.45 0.08 -31.12
C SER A 45 12.96 0.29 -31.22
N TYR A 46 13.74 -0.44 -30.43
CA TYR A 46 15.23 -0.32 -30.38
C TYR A 46 15.83 -1.48 -29.55
N GLU A 47 17.11 -1.78 -29.77
CA GLU A 47 17.82 -3.00 -29.29
C GLU A 47 18.21 -2.85 -27.81
N THR A 48 18.00 -3.91 -27.02
CA THR A 48 18.42 -4.02 -25.59
C THR A 48 18.65 -5.50 -25.28
N LYS A 49 19.17 -5.83 -24.09
CA LYS A 49 19.47 -7.23 -23.69
C LYS A 49 19.62 -7.31 -22.17
N GLN A 50 18.56 -7.73 -21.46
CA GLN A 50 18.55 -7.85 -19.98
C GLN A 50 17.22 -8.46 -19.50
N THR A 51 17.05 -8.61 -18.18
CA THR A 51 15.82 -9.12 -17.51
C THR A 51 14.64 -8.21 -17.88
N ALA A 54 14.50 -11.58 -12.12
CA ALA A 54 14.20 -11.26 -10.70
C ALA A 54 13.42 -12.42 -10.07
N SER A 55 14.07 -13.19 -9.18
CA SER A 55 13.49 -14.32 -8.43
C SER A 55 13.40 -13.98 -6.93
N SER A 56 12.49 -14.65 -6.22
CA SER A 56 12.33 -14.58 -4.75
C SER A 56 13.30 -15.56 -4.07
N MET A 57 14.27 -15.04 -3.32
CA MET A 57 15.34 -15.88 -2.70
C MET A 57 14.86 -16.32 -1.31
N VAL A 58 15.29 -17.46 -0.82
CA VAL A 58 14.84 -17.95 0.53
C VAL A 58 15.72 -17.34 1.63
N ASN A 59 15.08 -16.89 2.71
CA ASN A 59 15.74 -16.52 3.97
C ASN A 59 16.03 -17.77 4.80
N GLY A 60 17.28 -18.20 4.84
CA GLY A 60 17.67 -19.44 5.52
C GLY A 60 17.55 -19.39 7.03
N VAL A 61 17.71 -18.22 7.65
CA VAL A 61 17.55 -18.11 9.11
C VAL A 61 16.09 -18.39 9.45
N VAL A 62 15.13 -17.79 8.75
CA VAL A 62 13.69 -18.01 9.06
C VAL A 62 13.34 -19.47 8.71
N ARG A 63 13.80 -19.97 7.56
CA ARG A 63 13.39 -21.34 7.14
C ARG A 63 13.95 -22.37 8.12
N LEU A 64 15.20 -22.25 8.58
CA LEU A 64 15.73 -23.25 9.54
C LEU A 64 14.94 -23.25 10.85
N LEU A 65 14.28 -22.16 11.22
CA LEU A 65 13.51 -22.06 12.49
C LEU A 65 12.02 -22.29 12.29
N THR A 66 11.59 -22.67 11.10
CA THR A 66 10.18 -22.99 10.80
C THR A 66 10.10 -24.35 10.05
N LYS A 67 10.79 -25.36 10.53
CA LYS A 67 10.89 -26.67 9.84
C LYS A 67 9.52 -27.29 9.54
N PRO A 68 8.49 -27.28 10.42
CA PRO A 68 7.22 -27.97 10.12
C PRO A 68 6.60 -27.47 8.80
N TRP A 69 6.89 -26.21 8.40
CA TRP A 69 6.28 -25.59 7.20
C TRP A 69 7.04 -26.02 5.94
N ASP A 70 8.15 -26.77 6.07
CA ASP A 70 8.93 -27.25 4.89
C ASP A 70 8.11 -28.26 4.05
N ILE A 71 7.04 -28.83 4.60
CA ILE A 71 6.19 -29.82 3.91
C ILE A 71 4.78 -29.25 3.69
N ILE A 72 4.59 -27.94 3.79
CA ILE A 72 3.25 -27.30 3.57
C ILE A 72 3.33 -26.56 2.26
N PRO A 73 2.67 -27.06 1.18
CA PRO A 73 2.79 -26.43 -0.13
C PRO A 73 2.35 -24.97 -0.20
N MET A 74 1.35 -24.57 0.58
CA MET A 74 0.93 -23.15 0.55
C MET A 74 2.09 -22.24 1.01
N VAL A 75 3.00 -22.73 1.86
CA VAL A 75 4.23 -21.96 2.24
C VAL A 75 5.31 -22.15 1.18
N THR A 76 5.65 -23.39 0.83
CA THR A 76 6.84 -23.68 0.01
C THR A 76 6.68 -23.16 -1.42
N GLN A 77 5.45 -23.17 -1.97
CA GLN A 77 5.19 -22.68 -3.36
C GLN A 77 5.35 -21.16 -3.46
N MET A 78 5.21 -20.41 -2.35
CA MET A 78 5.32 -18.92 -2.39
C MET A 78 6.70 -18.49 -2.84
N ALA A 79 7.74 -19.30 -2.61
CA ALA A 79 9.14 -18.94 -2.94
C ALA A 79 9.48 -19.34 -4.39
N MET A 80 8.62 -20.06 -5.11
CA MET A 80 8.95 -20.57 -6.48
C MET A 80 8.50 -19.58 -7.58
N THR A 81 9.00 -19.78 -8.81
CA THR A 81 8.55 -19.10 -10.04
C THR A 81 9.35 -17.83 -10.32
N LYS A 93 -0.61 -8.64 -18.09
CA LYS A 93 -0.38 -7.51 -19.03
C LYS A 93 -1.43 -7.57 -20.14
N GLU A 94 -2.47 -8.40 -19.95
CA GLU A 94 -3.67 -8.50 -20.82
C GLU A 94 -4.75 -7.53 -20.31
N LYS A 95 -4.49 -6.90 -19.16
CA LYS A 95 -5.41 -5.92 -18.52
C LYS A 95 -4.87 -4.49 -18.67
N VAL A 96 -3.54 -4.31 -18.69
CA VAL A 96 -2.91 -2.98 -18.95
C VAL A 96 -3.31 -2.56 -20.38
N ASP A 97 -3.36 -3.54 -21.30
CA ASP A 97 -3.82 -3.36 -22.71
C ASP A 97 -5.34 -3.64 -22.79
N THR A 98 -6.10 -2.78 -22.09
CA THR A 98 -7.59 -2.81 -22.13
C THR A 98 -8.06 -1.35 -22.11
N ARG A 99 -9.35 -1.07 -22.27
CA ARG A 99 -9.77 0.36 -22.32
C ARG A 99 -11.03 0.58 -21.47
N THR A 100 -11.27 1.83 -21.05
CA THR A 100 -12.49 2.17 -20.26
C THR A 100 -13.30 3.21 -21.03
N GLN A 101 -14.62 3.00 -21.14
CA GLN A 101 -15.48 3.94 -21.92
C GLN A 101 -15.62 5.27 -21.18
N GLU A 102 -15.98 6.33 -21.91
CA GLU A 102 -16.19 7.65 -21.29
C GLU A 102 -17.46 7.60 -20.43
N PRO A 103 -17.42 8.08 -19.18
CA PRO A 103 -18.60 8.11 -18.35
C PRO A 103 -19.71 9.00 -18.93
N LYS A 104 -20.97 8.76 -18.55
CA LYS A 104 -22.11 9.57 -19.02
C LYS A 104 -22.04 11.00 -18.45
N GLU A 105 -22.89 11.90 -18.92
CA GLU A 105 -22.85 13.33 -18.51
C GLU A 105 -23.26 13.49 -17.04
N GLY A 106 -24.28 12.76 -16.60
CA GLY A 106 -24.72 12.75 -15.19
C GLY A 106 -23.57 12.28 -14.29
N THR A 107 -22.85 11.24 -14.69
CA THR A 107 -21.72 10.67 -13.90
C THR A 107 -20.57 11.70 -13.80
N LYS A 108 -20.14 12.25 -14.92
CA LYS A 108 -19.12 13.35 -15.00
C LYS A 108 -19.48 14.52 -14.08
N LYS A 109 -20.74 14.97 -14.06
CA LYS A 109 -21.21 16.02 -13.15
C LYS A 109 -21.07 15.60 -11.67
N LEU A 110 -21.56 14.40 -11.31
CA LEU A 110 -21.49 13.88 -9.91
C LEU A 110 -20.01 13.87 -9.46
N MET A 111 -19.13 13.36 -10.30
CA MET A 111 -17.70 13.26 -9.95
C MET A 111 -17.07 14.66 -9.79
N LYS A 112 -17.40 15.63 -10.65
CA LYS A 112 -16.77 16.98 -10.56
C LYS A 112 -17.26 17.70 -9.30
N ILE A 113 -18.57 17.69 -9.04
CA ILE A 113 -19.14 18.29 -7.80
C ILE A 113 -18.47 17.64 -6.57
N THR A 114 -18.44 16.31 -6.53
CA THR A 114 -17.90 15.56 -5.35
C THR A 114 -16.41 15.88 -5.19
N ALA A 115 -15.64 15.86 -6.26
CA ALA A 115 -14.18 16.12 -6.21
C ALA A 115 -13.90 17.54 -5.73
N GLU A 116 -14.68 18.52 -6.25
CA GLU A 116 -14.51 19.94 -5.84
C GLU A 116 -14.74 20.04 -4.33
N TRP A 117 -15.81 19.45 -3.83
CA TRP A 117 -16.15 19.46 -2.41
C TRP A 117 -15.03 18.78 -1.59
N LEU A 118 -14.50 17.65 -2.09
CA LEU A 118 -13.57 16.82 -1.29
C LEU A 118 -12.21 17.51 -1.15
N TRP A 119 -11.67 18.09 -2.22
CA TRP A 119 -10.39 18.85 -2.11
C TRP A 119 -10.54 20.02 -1.14
N LYS A 120 -11.68 20.72 -1.16
CA LYS A 120 -11.93 21.78 -0.17
C LYS A 120 -11.96 21.21 1.24
N GLU A 121 -12.64 20.10 1.52
CA GLU A 121 -12.65 19.55 2.89
C GLU A 121 -11.22 19.17 3.30
N LEU A 122 -10.47 18.53 2.39
CA LEU A 122 -9.14 17.99 2.76
C LEU A 122 -8.22 19.20 3.04
N GLY A 123 -8.48 20.31 2.35
CA GLY A 123 -7.67 21.55 2.38
C GLY A 123 -8.05 22.48 3.51
N LYS A 124 -9.16 22.28 4.23
CA LYS A 124 -9.57 23.19 5.33
C LYS A 124 -8.47 23.33 6.41
N LYS A 125 -7.82 22.26 6.81
CA LYS A 125 -6.82 22.31 7.90
C LYS A 125 -5.40 22.02 7.39
N LYS A 126 -5.15 22.11 6.09
CA LYS A 126 -3.83 21.80 5.50
C LYS A 126 -3.49 22.90 4.50
N THR A 127 -2.20 23.13 4.27
CA THR A 127 -1.70 24.11 3.28
C THR A 127 -0.81 23.41 2.27
N PRO A 128 -1.20 23.35 0.99
CA PRO A 128 -0.33 22.78 -0.02
C PRO A 128 1.02 23.54 -0.02
N ARG A 129 2.10 22.83 -0.29
CA ARG A 129 3.48 23.38 -0.24
C ARG A 129 4.40 22.47 -1.05
N MET A 130 5.50 23.04 -1.53
CA MET A 130 6.53 22.26 -2.25
C MET A 130 7.38 21.50 -1.25
N CYS A 131 7.77 20.30 -1.64
CA CYS A 131 8.76 19.48 -0.92
C CYS A 131 10.14 19.84 -1.48
N THR A 132 11.18 19.74 -0.66
CA THR A 132 12.48 20.41 -0.93
C THR A 132 13.52 19.36 -1.29
N ARG A 133 14.57 19.78 -2.00
CA ARG A 133 15.77 18.96 -2.31
C ARG A 133 16.32 18.37 -1.01
N GLU A 134 16.30 19.15 0.08
CA GLU A 134 16.75 18.71 1.43
C GLU A 134 15.90 17.50 1.85
N GLU A 135 14.56 17.62 1.80
CA GLU A 135 13.63 16.53 2.19
C GLU A 135 13.86 15.31 1.30
N PHE A 136 14.01 15.52 0.00
CA PHE A 136 14.24 14.46 -0.99
C PHE A 136 15.55 13.72 -0.67
N THR A 137 16.63 14.48 -0.45
CA THR A 137 17.99 13.94 -0.16
C THR A 137 17.95 13.10 1.12
N ARG A 138 17.23 13.58 2.15
CA ARG A 138 17.14 12.89 3.47
C ARG A 138 16.46 11.53 3.28
N LYS A 139 15.43 11.47 2.43
CA LYS A 139 14.64 10.23 2.17
C LYS A 139 15.52 9.20 1.44
N VAL A 140 16.38 9.64 0.51
CA VAL A 140 17.26 8.71 -0.26
C VAL A 140 18.38 8.16 0.64
N ARG A 141 18.86 8.96 1.61
CA ARG A 141 19.98 8.61 2.51
C ARG A 141 19.48 7.79 3.70
N SER A 142 18.18 7.50 3.76
CA SER A 142 17.56 6.62 4.78
C SER A 142 16.77 5.51 4.09
N ASN A 143 17.14 5.18 2.85
CA ASN A 143 16.53 4.03 2.12
C ASN A 143 15.01 4.11 2.07
N ALA A 144 14.46 4.49 0.92
CA ALA A 144 12.99 4.50 0.73
C ALA A 144 12.69 4.28 -0.75
N ALA A 145 11.72 3.42 -1.06
CA ALA A 145 11.43 3.09 -2.49
C ALA A 145 10.98 4.35 -3.23
N LEU A 146 11.73 4.74 -4.26
CA LEU A 146 11.35 5.92 -5.07
C LEU A 146 11.16 5.48 -6.53
N GLY A 147 10.91 4.18 -6.76
CA GLY A 147 10.66 3.70 -8.12
C GLY A 147 11.54 4.40 -9.13
N ALA A 148 12.85 4.42 -8.87
CA ALA A 148 13.78 5.18 -9.74
C ALA A 148 14.62 4.21 -10.59
N ILE A 149 15.30 4.72 -11.62
CA ILE A 149 16.14 3.88 -12.52
C ILE A 149 17.57 4.44 -12.51
N TRP A 156 25.81 7.94 -12.40
CA TRP A 156 25.89 7.63 -10.95
C TRP A 156 25.37 6.20 -10.71
N LYS A 157 25.96 5.49 -9.74
CA LYS A 157 25.59 4.10 -9.38
C LYS A 157 24.16 4.09 -8.81
N SER A 158 24.02 4.39 -7.53
CA SER A 158 22.73 4.41 -6.78
C SER A 158 22.24 5.85 -6.60
N ALA A 159 21.14 6.05 -5.89
CA ALA A 159 20.55 7.40 -5.76
C ALA A 159 21.39 8.26 -4.81
N ARG A 160 22.01 7.66 -3.81
CA ARG A 160 22.80 8.42 -2.82
C ARG A 160 23.88 9.21 -3.57
N GLU A 161 24.48 8.63 -4.61
CA GLU A 161 25.58 9.32 -5.32
C GLU A 161 25.03 10.51 -6.11
N ALA A 162 23.89 10.32 -6.76
CA ALA A 162 23.32 11.40 -7.60
C ALA A 162 22.96 12.59 -6.72
N VAL A 163 22.37 12.33 -5.55
CA VAL A 163 21.88 13.42 -4.67
C VAL A 163 23.07 14.24 -4.16
N GLU A 164 24.28 13.64 -4.21
CA GLU A 164 25.48 14.33 -3.66
C GLU A 164 26.23 15.06 -4.79
N ASP A 165 25.94 14.74 -6.05
CA ASP A 165 26.59 15.37 -7.22
C ASP A 165 25.69 16.48 -7.78
N SER A 166 26.27 17.67 -7.98
CA SER A 166 25.56 18.90 -8.43
C SER A 166 25.22 18.84 -9.92
N GLY A 167 25.88 17.95 -10.68
CA GLY A 167 25.57 17.69 -12.11
C GLY A 167 24.14 17.22 -12.27
N PHE A 168 23.71 16.27 -11.43
CA PHE A 168 22.31 15.80 -11.28
C PHE A 168 21.38 17.01 -11.18
N TRP A 169 21.57 17.86 -10.17
CA TRP A 169 20.64 18.97 -9.86
C TRP A 169 20.53 19.93 -11.05
N GLU A 170 21.54 19.99 -11.94
CA GLU A 170 21.53 20.85 -13.15
C GLU A 170 20.65 20.20 -14.23
N LEU A 171 20.62 18.87 -14.28
CA LEU A 171 19.67 18.12 -15.15
C LEU A 171 18.25 18.38 -14.61
N VAL A 172 18.05 18.16 -13.30
CA VAL A 172 16.81 18.46 -12.55
C VAL A 172 16.38 19.90 -12.90
N ASP A 173 17.30 20.86 -12.77
CA ASP A 173 17.06 22.29 -13.09
C ASP A 173 16.57 22.44 -14.53
N LYS A 174 17.23 21.82 -15.51
CA LYS A 174 16.88 22.01 -16.94
C LYS A 174 15.43 21.54 -17.14
N GLU A 175 15.09 20.37 -16.61
CA GLU A 175 13.71 19.80 -16.70
C GLU A 175 12.73 20.75 -15.99
N ARG A 176 13.11 21.20 -14.80
CA ARG A 176 12.26 22.08 -13.94
C ARG A 176 11.85 23.30 -14.76
N ASN A 177 12.80 23.98 -15.43
CA ASN A 177 12.53 25.19 -16.26
C ASN A 177 11.70 24.82 -17.48
N LEU A 178 11.90 23.64 -18.07
CA LEU A 178 11.05 23.11 -19.16
C LEU A 178 9.59 22.95 -18.70
N HIS A 179 9.35 22.41 -17.50
CA HIS A 179 7.97 22.28 -16.91
C HIS A 179 7.33 23.67 -16.71
N LEU A 180 8.05 24.66 -16.16
CA LEU A 180 7.55 26.07 -16.02
C LEU A 180 7.16 26.61 -17.40
N GLU A 181 7.85 26.16 -18.44
CA GLU A 181 7.60 26.52 -19.87
C GLU A 181 6.51 25.61 -20.47
N GLY A 182 5.97 24.65 -19.70
CA GLY A 182 4.83 23.79 -20.11
C GLY A 182 5.24 22.66 -21.05
N LYS A 183 6.49 22.20 -20.98
CA LYS A 183 7.11 21.20 -21.90
C LYS A 183 7.87 20.15 -21.08
N CYS A 184 8.11 18.96 -21.64
CA CYS A 184 8.77 17.82 -20.96
C CYS A 184 9.78 17.16 -21.92
N GLU A 185 10.98 16.82 -21.44
CA GLU A 185 11.99 16.13 -22.28
C GLU A 185 12.39 14.76 -21.72
N THR A 186 12.37 14.55 -20.41
CA THR A 186 13.07 13.37 -19.80
C THR A 186 12.19 12.58 -18.81
N CYS A 187 10.93 12.99 -18.54
CA CYS A 187 10.00 12.26 -17.63
C CYS A 187 9.32 11.10 -18.39
N VAL A 188 10.04 9.97 -18.48
CA VAL A 188 9.62 8.75 -19.25
C VAL A 188 9.51 7.56 -18.29
N TYR A 189 8.41 6.82 -18.36
CA TYR A 189 8.16 5.64 -17.48
C TYR A 189 8.86 4.40 -18.06
N ASN A 190 9.40 3.56 -17.17
CA ASN A 190 10.12 2.30 -17.50
C ASN A 190 9.36 1.14 -16.83
N MET A 191 8.54 0.44 -17.60
CA MET A 191 7.63 -0.65 -17.11
C MET A 191 8.47 -1.76 -16.47
N MET A 192 7.89 -2.49 -15.52
CA MET A 192 8.53 -3.60 -14.76
C MET A 192 7.75 -3.85 -13.46
N ALA A 210 2.02 -3.69 -10.94
CA ALA A 210 2.71 -2.85 -11.94
C ALA A 210 3.43 -1.70 -11.24
N ILE A 211 4.73 -1.54 -11.51
CA ILE A 211 5.61 -0.48 -10.92
C ILE A 211 6.21 0.36 -12.05
N TRP A 212 5.88 1.65 -12.07
CA TRP A 212 6.33 2.63 -13.09
C TRP A 212 7.61 3.31 -12.62
N TYR A 213 8.76 2.67 -12.79
CA TYR A 213 10.09 3.25 -12.49
C TYR A 213 10.34 4.44 -13.42
N MET A 214 10.87 5.54 -12.87
CA MET A 214 11.34 6.72 -13.62
C MET A 214 12.75 7.06 -13.12
N TRP A 215 13.51 7.85 -13.89
CA TRP A 215 14.85 8.32 -13.44
C TRP A 215 14.67 9.25 -12.24
N LEU A 216 15.66 9.31 -11.36
CA LEU A 216 15.57 9.98 -10.04
C LEU A 216 15.10 11.44 -10.17
N GLY A 217 15.56 12.15 -11.20
CA GLY A 217 15.18 13.54 -11.51
C GLY A 217 13.69 13.73 -11.71
N ALA A 218 13.04 12.87 -12.51
CA ALA A 218 11.58 12.91 -12.73
C ALA A 218 10.86 12.63 -11.41
N ARG A 219 11.41 11.73 -10.59
CA ARG A 219 10.86 11.33 -9.27
C ARG A 219 10.92 12.54 -8.34
N PHE A 220 12.00 13.30 -8.43
CA PHE A 220 12.20 14.50 -7.60
C PHE A 220 11.10 15.51 -7.95
N LEU A 221 10.95 15.80 -9.24
CA LEU A 221 9.97 16.82 -9.70
C LEU A 221 8.55 16.40 -9.29
N GLU A 222 8.24 15.09 -9.33
CA GLU A 222 6.92 14.62 -8.84
C GLU A 222 6.84 14.91 -7.33
N PHE A 223 7.90 14.61 -6.55
CA PHE A 223 7.92 14.76 -5.06
C PHE A 223 7.78 16.24 -4.70
N GLU A 224 8.49 17.11 -5.40
CA GLU A 224 8.48 18.58 -5.19
C GLU A 224 7.06 19.12 -5.32
N ALA A 225 6.32 18.66 -6.32
CA ALA A 225 4.98 19.20 -6.65
C ALA A 225 3.89 18.55 -5.80
N LEU A 226 3.98 17.25 -5.50
CA LEU A 226 2.81 16.46 -4.99
C LEU A 226 3.15 15.67 -3.72
N GLY A 227 4.41 15.72 -3.24
CA GLY A 227 4.83 14.99 -2.04
C GLY A 227 4.12 15.44 -0.79
N PHE A 228 3.64 16.68 -0.78
CA PHE A 228 2.90 17.24 0.38
C PHE A 228 1.72 16.36 0.75
N LEU A 229 1.06 15.71 -0.23
CA LEU A 229 -0.12 14.86 0.11
C LEU A 229 0.26 13.79 1.14
N ASN A 230 1.42 13.18 0.96
CA ASN A 230 1.92 12.14 1.90
C ASN A 230 2.71 12.76 3.06
N GLU A 231 3.63 13.68 2.77
CA GLU A 231 4.53 14.25 3.82
C GLU A 231 3.71 14.95 4.91
N ASP A 232 2.61 15.63 4.55
CA ASP A 232 1.76 16.41 5.50
C ASP A 232 0.42 15.69 5.77
N HIS A 233 0.33 14.40 5.41
CA HIS A 233 -0.72 13.48 5.94
C HIS A 233 -2.13 13.94 5.58
N TRP A 234 -2.37 14.29 4.33
CA TRP A 234 -3.69 14.74 3.81
C TRP A 234 -4.72 13.60 3.97
N PHE A 235 -4.26 12.35 3.92
CA PHE A 235 -5.15 11.17 4.03
C PHE A 235 -5.12 10.49 5.40
N SER A 236 -4.60 11.17 6.43
CA SER A 236 -4.78 10.79 7.85
C SER A 236 -6.29 10.63 8.12
N ARG A 237 -6.67 9.78 9.08
CA ARG A 237 -8.08 9.68 9.48
C ARG A 237 -8.59 11.01 10.09
N GLU A 238 -7.75 11.72 10.87
CA GLU A 238 -8.12 13.03 11.46
C GLU A 238 -8.51 14.02 10.36
N ASN A 239 -7.73 14.08 9.27
CA ASN A 239 -7.92 15.11 8.20
C ASN A 239 -8.91 14.69 7.12
N SER A 240 -8.99 13.40 6.76
CA SER A 240 -9.84 12.95 5.61
C SER A 240 -11.13 12.18 6.03
N LEU A 241 -11.24 11.77 7.29
CA LEU A 241 -12.35 11.03 7.95
C LEU A 241 -12.47 9.56 7.45
N SER A 242 -12.28 9.31 6.15
CA SER A 242 -12.33 7.94 5.55
C SER A 242 -10.93 7.33 5.44
N GLY A 243 -9.88 8.15 5.46
CA GLY A 243 -8.52 7.65 5.29
C GLY A 243 -7.99 6.94 6.51
N VAL A 244 -6.87 6.24 6.31
CA VAL A 244 -6.15 5.54 7.38
C VAL A 244 -4.64 5.76 7.20
N GLU A 245 -4.23 6.77 6.45
CA GLU A 245 -2.76 6.98 6.18
C GLU A 245 -2.03 7.20 7.51
N GLY A 246 -0.94 6.46 7.73
CA GLY A 246 -0.17 6.55 9.00
C GLY A 246 -0.74 5.79 10.19
N GLU A 247 -1.80 4.98 9.94
CA GLU A 247 -2.39 4.01 10.89
C GLU A 247 -1.68 2.65 10.73
N GLY A 248 -1.04 2.19 11.80
CA GLY A 248 -0.48 0.82 11.87
C GLY A 248 -1.58 -0.23 11.93
N LEU A 249 -1.19 -1.47 11.66
N LEU A 249 -1.23 -1.51 11.65
CA LEU A 249 -2.11 -2.62 11.64
CA LEU A 249 -2.17 -2.65 11.67
C LEU A 249 -2.72 -2.78 13.03
C LEU A 249 -2.80 -2.72 13.05
N HIS A 250 -2.13 -2.14 14.03
CA HIS A 250 -2.64 -2.23 15.41
C HIS A 250 -3.82 -1.26 15.61
N LYS A 251 -4.06 -0.39 14.62
CA LYS A 251 -5.14 0.63 14.68
C LYS A 251 -6.33 0.19 13.83
N LEU A 252 -6.08 -0.54 12.75
CA LEU A 252 -7.11 -0.73 11.67
C LEU A 252 -8.32 -1.47 12.23
N GLY A 253 -8.13 -2.48 13.09
CA GLY A 253 -9.25 -3.22 13.66
C GLY A 253 -10.12 -2.31 14.53
N TYR A 254 -9.49 -1.50 15.37
CA TYR A 254 -10.26 -0.55 16.21
C TYR A 254 -11.05 0.45 15.33
N ILE A 255 -10.47 0.87 14.21
CA ILE A 255 -11.16 1.76 13.26
C ILE A 255 -12.39 1.04 12.67
N LEU A 256 -12.25 -0.20 12.22
CA LEU A 256 -13.41 -0.95 11.67
C LEU A 256 -14.47 -1.14 12.76
N ARG A 257 -14.06 -1.40 14.01
CA ARG A 257 -15.07 -1.61 15.10
C ARG A 257 -15.82 -0.28 15.32
N ASP A 258 -15.12 0.86 15.24
CA ASP A 258 -15.79 2.20 15.39
C ASP A 258 -16.80 2.42 14.24
N VAL A 259 -16.47 2.08 13.00
CA VAL A 259 -17.43 2.16 11.86
C VAL A 259 -18.64 1.26 12.16
N SER A 260 -18.42 0.06 12.71
CA SER A 260 -19.52 -0.90 12.98
C SER A 260 -20.54 -0.31 13.98
N LYS A 261 -20.12 0.62 14.82
CA LYS A 261 -20.98 1.20 15.89
C LYS A 261 -22.03 2.16 15.28
N LYS A 262 -21.81 2.64 14.07
CA LYS A 262 -22.76 3.51 13.36
C LYS A 262 -24.04 2.73 13.12
N GLU A 263 -25.19 3.37 13.21
CA GLU A 263 -26.44 2.74 12.73
C GLU A 263 -26.33 2.61 11.19
N GLY A 264 -26.79 1.50 10.63
CA GLY A 264 -26.89 1.38 9.17
C GLY A 264 -26.99 -0.07 8.75
N GLY A 265 -26.61 -0.35 7.52
CA GLY A 265 -26.79 -1.69 6.94
C GLY A 265 -25.56 -2.55 7.17
N ALA A 266 -25.36 -3.53 6.28
CA ALA A 266 -24.18 -4.42 6.29
C ALA A 266 -22.92 -3.58 6.07
N MET A 267 -21.76 -4.16 6.35
CA MET A 267 -20.48 -3.57 5.93
C MET A 267 -20.08 -4.17 4.58
N TYR A 268 -19.82 -3.32 3.60
CA TYR A 268 -19.48 -3.71 2.22
C TYR A 268 -17.98 -3.49 2.00
N ALA A 269 -17.33 -4.48 1.39
CA ALA A 269 -15.89 -4.46 1.13
C ALA A 269 -15.65 -4.99 -0.26
N ASP A 270 -16.16 -4.27 -1.26
CA ASP A 270 -16.07 -4.74 -2.65
C ASP A 270 -14.69 -4.38 -3.20
N ASP A 271 -13.97 -5.34 -3.71
CA ASP A 271 -12.68 -5.11 -4.42
C ASP A 271 -12.97 -4.72 -5.87
N THR A 272 -12.22 -3.76 -6.42
CA THR A 272 -12.28 -3.40 -7.85
C THR A 272 -11.36 -4.35 -8.62
N ALA A 273 -11.78 -4.82 -9.79
CA ALA A 273 -10.91 -5.55 -10.72
C ALA A 273 -9.93 -4.55 -11.37
N GLY A 274 -8.66 -4.63 -11.02
CA GLY A 274 -7.54 -3.87 -11.63
C GLY A 274 -7.75 -2.36 -11.53
N TRP A 275 -7.85 -1.86 -10.31
CA TRP A 275 -8.17 -0.43 -10.06
C TRP A 275 -7.33 0.52 -10.95
N ASP A 276 -6.02 0.40 -10.94
CA ASP A 276 -5.07 1.33 -11.64
C ASP A 276 -5.43 1.40 -13.14
N THR A 277 -5.91 0.30 -13.72
CA THR A 277 -6.29 0.25 -15.17
C THR A 277 -7.67 0.86 -15.44
N ARG A 278 -8.46 1.14 -14.39
CA ARG A 278 -9.84 1.69 -14.50
C ARG A 278 -9.86 3.18 -14.18
N ILE A 279 -8.71 3.81 -13.96
CA ILE A 279 -8.60 5.28 -13.73
C ILE A 279 -8.82 5.96 -15.10
N THR A 280 -9.88 6.73 -15.23
CA THR A 280 -10.28 7.38 -16.52
C THR A 280 -9.59 8.74 -16.67
N LEU A 281 -9.66 9.33 -17.86
CA LEU A 281 -9.10 10.69 -18.02
C LEU A 281 -9.95 11.67 -17.18
N GLU A 282 -11.24 11.38 -16.97
CA GLU A 282 -12.10 12.25 -16.12
C GLU A 282 -11.61 12.23 -14.66
N ASP A 283 -11.31 11.03 -14.14
CA ASP A 283 -10.66 10.85 -12.81
C ASP A 283 -9.37 11.69 -12.71
N LEU A 284 -8.46 11.61 -13.69
CA LEU A 284 -7.19 12.40 -13.69
C LEU A 284 -7.46 13.91 -13.63
N LYS A 285 -8.50 14.38 -14.34
CA LYS A 285 -8.92 15.82 -14.38
C LYS A 285 -9.45 16.23 -13.00
N ASN A 286 -10.26 15.39 -12.35
CA ASN A 286 -10.76 15.69 -11.00
C ASN A 286 -9.61 15.68 -9.98
N GLU A 287 -8.64 14.78 -10.09
CA GLU A 287 -7.46 14.74 -9.17
C GLU A 287 -6.66 16.05 -9.34
N GLU A 288 -6.49 16.49 -10.59
CA GLU A 288 -5.76 17.72 -10.98
C GLU A 288 -6.30 18.95 -10.25
N MET A 289 -7.59 18.96 -9.89
CA MET A 289 -8.21 20.11 -9.20
C MET A 289 -7.54 20.44 -7.85
N VAL A 290 -6.66 19.58 -7.31
CA VAL A 290 -5.90 19.97 -6.10
C VAL A 290 -5.10 21.25 -6.43
N THR A 291 -4.65 21.43 -7.66
CA THR A 291 -3.85 22.64 -8.09
C THR A 291 -4.64 23.93 -7.91
N ASN A 292 -5.98 23.87 -7.89
CA ASN A 292 -6.87 25.05 -7.61
C ASN A 292 -6.58 25.64 -6.22
N HIS A 293 -5.93 24.88 -5.34
CA HIS A 293 -5.65 25.28 -3.94
C HIS A 293 -4.21 25.77 -3.79
N MET A 294 -3.46 25.83 -4.89
CA MET A 294 -2.04 26.17 -4.85
C MET A 294 -1.85 27.61 -5.35
N GLU A 295 -0.61 28.10 -5.34
CA GLU A 295 -0.26 29.46 -5.81
C GLU A 295 1.18 29.47 -6.28
N GLY A 296 1.53 30.51 -7.04
CA GLY A 296 2.90 30.81 -7.46
C GLY A 296 3.49 29.71 -8.31
N GLU A 297 4.79 29.49 -8.12
CA GLU A 297 5.63 28.43 -8.71
C GLU A 297 4.97 27.06 -8.48
N HIS A 298 4.69 26.74 -7.22
CA HIS A 298 4.08 25.44 -6.82
C HIS A 298 2.94 25.11 -7.78
N LYS A 299 1.96 26.00 -7.95
CA LYS A 299 0.77 25.76 -8.79
C LYS A 299 1.20 25.37 -10.20
N LYS A 300 2.21 26.06 -10.74
CA LYS A 300 2.66 25.84 -12.14
C LYS A 300 3.36 24.49 -12.24
N LEU A 301 4.21 24.17 -11.27
CA LEU A 301 4.99 22.90 -11.24
C LEU A 301 4.03 21.69 -11.10
N ALA A 302 2.98 21.80 -10.30
CA ALA A 302 1.98 20.71 -10.08
C ALA A 302 1.13 20.55 -11.33
N GLU A 303 0.74 21.66 -11.97
CA GLU A 303 -0.04 21.62 -13.23
C GLU A 303 0.75 20.87 -14.30
N ALA A 304 2.08 21.03 -14.34
CA ALA A 304 2.94 20.36 -15.35
C ALA A 304 3.00 18.85 -15.06
N ILE A 305 3.16 18.45 -13.80
CA ILE A 305 3.19 17.00 -13.44
C ILE A 305 1.90 16.37 -13.95
N PHE A 306 0.73 16.93 -13.62
CA PHE A 306 -0.58 16.34 -14.00
C PHE A 306 -0.71 16.32 -15.53
N LYS A 307 -0.45 17.45 -16.20
CA LYS A 307 -0.58 17.62 -17.69
C LYS A 307 0.40 16.73 -18.45
N LEU A 308 1.68 16.80 -18.10
CA LEU A 308 2.75 16.30 -19.00
C LEU A 308 3.10 14.86 -18.68
N THR A 309 2.93 14.40 -17.44
CA THR A 309 3.38 13.06 -17.01
C THR A 309 2.19 12.16 -16.63
N TYR A 310 1.04 12.68 -16.19
CA TYR A 310 -0.07 11.80 -15.70
C TYR A 310 -1.14 11.68 -16.78
N GLN A 311 -1.54 12.80 -17.38
CA GLN A 311 -2.59 12.86 -18.44
C GLN A 311 -2.01 12.58 -19.85
N ASN A 312 -0.68 12.41 -19.97
CA ASN A 312 0.01 12.11 -21.26
C ASN A 312 1.33 11.36 -20.99
N LYS A 313 1.30 10.03 -20.88
CA LYS A 313 2.45 9.20 -20.42
C LYS A 313 3.27 8.70 -21.61
N VAL A 314 4.57 8.44 -21.38
CA VAL A 314 5.52 7.85 -22.34
C VAL A 314 6.23 6.71 -21.61
N VAL A 315 6.15 5.50 -22.14
CA VAL A 315 6.62 4.30 -21.39
C VAL A 315 7.52 3.47 -22.29
N ARG A 316 8.52 2.84 -21.69
CA ARG A 316 9.41 1.88 -22.40
C ARG A 316 9.23 0.50 -21.76
N VAL A 317 8.94 -0.52 -22.59
CA VAL A 317 8.56 -1.89 -22.17
C VAL A 317 9.50 -2.89 -22.88
N GLN A 318 9.98 -3.89 -22.15
CA GLN A 318 10.80 -5.01 -22.69
C GLN A 318 9.88 -6.08 -23.28
N ARG A 319 10.03 -6.35 -24.58
CA ARG A 319 9.34 -7.44 -25.32
C ARG A 319 10.38 -8.44 -25.80
N PRO A 320 10.29 -9.74 -25.39
CA PRO A 320 11.28 -10.75 -25.79
C PRO A 320 11.56 -10.81 -27.30
N THR A 321 10.50 -10.97 -28.11
CA THR A 321 10.58 -11.04 -29.59
C THR A 321 11.92 -10.48 -30.07
N THR A 325 15.30 -9.33 -27.71
CA THR A 325 14.87 -8.28 -26.75
C THR A 325 14.81 -6.93 -27.46
N VAL A 326 13.62 -6.31 -27.50
CA VAL A 326 13.47 -4.97 -28.12
C VAL A 326 12.83 -4.03 -27.09
N MET A 327 13.05 -2.72 -27.22
CA MET A 327 12.39 -1.75 -26.32
C MET A 327 11.21 -1.11 -27.04
N ASP A 328 10.02 -1.23 -26.47
CA ASP A 328 8.80 -0.66 -27.11
C ASP A 328 8.48 0.70 -26.48
N ILE A 329 8.63 1.78 -27.22
CA ILE A 329 8.24 3.14 -26.77
C ILE A 329 6.76 3.35 -27.08
N ILE A 330 5.91 3.23 -26.07
CA ILE A 330 4.42 3.34 -26.19
C ILE A 330 3.94 4.50 -25.31
N SER A 331 2.76 5.05 -25.63
CA SER A 331 2.12 6.17 -24.89
C SER A 331 0.66 5.83 -24.62
N ARG A 332 0.03 6.61 -23.73
CA ARG A 332 -1.45 6.61 -23.50
C ARG A 332 -1.77 7.72 -22.50
N ARG A 333 -3.02 8.16 -22.47
CA ARG A 333 -3.47 9.31 -21.66
C ARG A 333 -4.01 8.83 -20.31
N ASP A 334 -4.83 7.77 -20.32
CA ASP A 334 -5.63 7.29 -19.15
C ASP A 334 -4.80 6.31 -18.31
N GLN A 335 -5.43 5.75 -17.26
CA GLN A 335 -4.83 4.75 -16.33
C GLN A 335 -3.92 5.46 -15.33
N ARG A 336 -3.72 4.80 -14.20
CA ARG A 336 -2.78 5.24 -13.15
C ARG A 336 -1.37 4.81 -13.54
N GLY A 337 -0.48 5.79 -13.62
CA GLY A 337 0.97 5.65 -13.78
C GLY A 337 1.64 6.84 -13.12
N SER A 338 2.00 6.68 -11.85
CA SER A 338 2.69 7.68 -11.01
C SER A 338 3.66 6.94 -10.09
N GLY A 339 4.41 7.66 -9.24
CA GLY A 339 5.19 7.05 -8.16
C GLY A 339 4.22 6.36 -7.20
N GLN A 340 4.67 5.34 -6.46
CA GLN A 340 3.78 4.50 -5.62
C GLN A 340 3.13 5.36 -4.52
N VAL A 341 3.84 6.34 -3.95
CA VAL A 341 3.30 7.15 -2.81
C VAL A 341 2.23 8.13 -3.31
N VAL A 342 2.49 8.86 -4.40
CA VAL A 342 1.41 9.68 -5.01
C VAL A 342 0.26 8.79 -5.49
N THR A 343 0.53 7.65 -6.13
CA THR A 343 -0.54 6.69 -6.51
C THR A 343 -1.43 6.37 -5.30
N TYR A 344 -0.84 6.11 -4.12
CA TYR A 344 -1.63 5.75 -2.92
C TYR A 344 -2.59 6.89 -2.60
N GLY A 345 -2.11 8.15 -2.54
CA GLY A 345 -2.97 9.27 -2.09
C GLY A 345 -4.06 9.57 -3.12
N LEU A 346 -3.74 9.54 -4.41
CA LEU A 346 -4.75 9.84 -5.44
C LEU A 346 -5.77 8.68 -5.57
N ASN A 347 -5.34 7.43 -5.45
CA ASN A 347 -6.26 6.26 -5.36
C ASN A 347 -7.18 6.47 -4.17
N THR A 348 -6.66 6.86 -2.99
CA THR A 348 -7.51 7.09 -1.80
C THR A 348 -8.54 8.18 -2.13
N PHE A 349 -8.10 9.29 -2.74
CA PHE A 349 -9.00 10.43 -3.09
C PHE A 349 -10.14 9.96 -3.99
N THR A 350 -9.79 9.27 -5.07
CA THR A 350 -10.75 8.90 -6.13
C THR A 350 -11.68 7.78 -5.59
N ASN A 351 -11.18 6.93 -4.69
CA ASN A 351 -12.02 5.88 -4.07
C ASN A 351 -13.00 6.55 -3.08
N MET A 352 -12.53 7.54 -2.30
CA MET A 352 -13.44 8.26 -1.40
C MET A 352 -14.57 8.88 -2.24
N GLU A 353 -14.20 9.47 -3.36
CA GLU A 353 -15.18 10.17 -4.23
C GLU A 353 -16.21 9.14 -4.76
N ALA A 354 -15.72 8.05 -5.35
CA ALA A 354 -16.54 6.99 -5.95
C ALA A 354 -17.47 6.39 -4.91
N GLN A 355 -17.00 6.14 -3.67
CA GLN A 355 -17.86 5.55 -2.63
C GLN A 355 -18.89 6.57 -2.11
N LEU A 356 -18.59 7.87 -2.02
CA LEU A 356 -19.63 8.86 -1.61
C LEU A 356 -20.74 8.88 -2.66
N ILE A 357 -20.37 8.78 -3.92
CA ILE A 357 -21.35 8.77 -5.05
C ILE A 357 -22.20 7.48 -4.95
N ARG A 358 -21.59 6.33 -4.71
CA ARG A 358 -22.39 5.11 -4.52
C ARG A 358 -23.32 5.28 -3.33
N GLN A 359 -22.88 5.88 -2.22
CA GLN A 359 -23.79 6.18 -1.09
C GLN A 359 -24.92 7.13 -1.60
N MET A 360 -24.62 8.17 -2.36
CA MET A 360 -25.71 9.07 -2.87
C MET A 360 -26.73 8.24 -3.66
N GLU A 361 -26.24 7.38 -4.55
CA GLU A 361 -27.14 6.55 -5.37
C GLU A 361 -28.04 5.74 -4.47
N GLY A 362 -27.51 5.08 -3.44
CA GLY A 362 -28.30 4.22 -2.56
C GLY A 362 -29.37 5.04 -1.83
N GLU A 363 -29.07 6.29 -1.50
CA GLU A 363 -29.97 7.15 -0.70
C GLU A 363 -30.95 7.88 -1.63
N GLY A 364 -30.86 7.68 -2.93
CA GLY A 364 -31.79 8.31 -3.90
C GLY A 364 -31.54 9.80 -4.09
N VAL A 365 -30.29 10.28 -4.02
CA VAL A 365 -30.03 11.75 -4.09
C VAL A 365 -30.20 12.19 -5.55
N PHE A 366 -29.92 11.29 -6.50
CA PHE A 366 -30.10 11.48 -7.96
C PHE A 366 -30.81 10.23 -8.51
N LYS A 367 -31.53 10.36 -9.63
CA LYS A 367 -32.41 9.30 -10.16
C LYS A 367 -31.69 8.56 -11.28
N SER A 368 -30.85 9.24 -12.05
CA SER A 368 -30.19 8.67 -13.26
C SER A 368 -28.85 9.34 -13.56
N ILE A 369 -27.89 8.53 -14.00
CA ILE A 369 -26.50 8.93 -14.37
C ILE A 369 -26.50 9.53 -15.77
N GLN A 370 -27.61 9.38 -16.50
CA GLN A 370 -27.69 9.86 -17.91
C GLN A 370 -27.46 11.37 -17.89
N HIS A 371 -28.07 12.04 -16.91
CA HIS A 371 -28.08 13.52 -16.82
C HIS A 371 -28.61 13.93 -15.45
N LEU A 372 -27.93 14.87 -14.81
CA LEU A 372 -28.39 15.56 -13.57
C LEU A 372 -29.18 16.81 -13.95
N THR A 373 -30.42 16.92 -13.47
CA THR A 373 -31.26 18.13 -13.55
C THR A 373 -30.55 19.24 -12.76
N VAL A 374 -31.01 20.48 -12.90
CA VAL A 374 -30.41 21.65 -12.20
C VAL A 374 -30.61 21.46 -10.68
N THR A 375 -31.78 20.96 -10.29
CA THR A 375 -32.19 20.83 -8.86
C THR A 375 -31.52 19.58 -8.24
N GLU A 376 -31.16 18.57 -9.05
CA GLU A 376 -30.40 17.39 -8.55
C GLU A 376 -28.99 17.89 -8.19
N GLU A 377 -28.41 18.76 -9.03
CA GLU A 377 -27.10 19.40 -8.72
C GLU A 377 -27.14 20.06 -7.35
N ILE A 378 -28.17 20.83 -7.05
CA ILE A 378 -28.27 21.57 -5.75
C ILE A 378 -28.51 20.53 -4.63
N ALA A 379 -29.27 19.48 -4.90
CA ALA A 379 -29.55 18.37 -3.96
C ALA A 379 -28.22 17.66 -3.58
N VAL A 380 -27.41 17.36 -4.59
CA VAL A 380 -26.08 16.69 -4.43
C VAL A 380 -25.18 17.62 -3.61
N LYS A 381 -25.06 18.90 -4.02
CA LYS A 381 -24.23 19.88 -3.26
C LYS A 381 -24.73 19.93 -1.81
N ASN A 382 -26.04 19.99 -1.61
CA ASN A 382 -26.64 20.17 -0.27
C ASN A 382 -26.41 18.92 0.58
N TRP A 383 -26.50 17.74 -0.02
CA TRP A 383 -26.21 16.45 0.68
C TRP A 383 -24.76 16.51 1.24
N LEU A 384 -23.82 16.86 0.39
CA LEU A 384 -22.37 16.96 0.76
C LEU A 384 -22.18 17.92 1.94
N VAL A 385 -22.73 19.14 1.87
CA VAL A 385 -22.63 20.15 2.96
C VAL A 385 -23.29 19.64 4.24
N ARG A 386 -24.49 19.05 4.11
CA ARG A 386 -25.33 18.61 5.27
C ARG A 386 -24.74 17.36 5.93
N VAL A 387 -24.42 16.32 5.15
CA VAL A 387 -24.04 14.99 5.74
C VAL A 387 -22.72 14.42 5.19
N GLY A 388 -22.05 15.11 4.27
CA GLY A 388 -20.83 14.61 3.60
C GLY A 388 -19.80 14.11 4.61
N ARG A 389 -19.49 14.88 5.64
CA ARG A 389 -18.47 14.47 6.63
C ARG A 389 -18.96 13.24 7.40
N GLU A 390 -20.25 13.16 7.74
CA GLU A 390 -20.78 11.95 8.42
C GLU A 390 -20.61 10.74 7.49
N ARG A 391 -20.87 10.90 6.20
CA ARG A 391 -20.82 9.76 5.24
C ARG A 391 -19.35 9.33 5.05
N LEU A 392 -18.39 10.27 5.12
CA LEU A 392 -16.95 9.92 5.03
C LEU A 392 -16.56 9.05 6.23
N SER A 393 -17.11 9.36 7.40
CA SER A 393 -16.82 8.67 8.69
C SER A 393 -17.31 7.24 8.64
N ARG A 394 -18.23 6.91 7.71
CA ARG A 394 -18.80 5.54 7.54
C ARG A 394 -17.88 4.69 6.66
N MET A 395 -16.66 5.15 6.35
CA MET A 395 -15.76 4.43 5.45
C MET A 395 -14.35 4.32 6.05
N ALA A 396 -13.67 3.24 5.66
CA ALA A 396 -12.22 3.05 5.85
C ALA A 396 -11.63 2.77 4.49
N ILE A 397 -10.78 3.68 4.01
CA ILE A 397 -10.29 3.64 2.61
C ILE A 397 -8.77 3.76 2.60
N SER A 398 -8.15 2.76 1.99
CA SER A 398 -6.68 2.64 1.85
C SER A 398 -6.39 2.41 0.38
N GLY A 399 -6.12 3.48 -0.36
CA GLY A 399 -5.98 3.36 -1.82
C GLY A 399 -7.21 2.73 -2.47
N ASP A 400 -7.03 1.63 -3.22
CA ASP A 400 -8.16 0.95 -3.91
C ASP A 400 -8.97 0.08 -2.96
N ASP A 401 -8.58 -0.02 -1.70
CA ASP A 401 -9.25 -0.92 -0.72
C ASP A 401 -10.25 -0.12 0.09
N CYS A 402 -11.49 -0.55 0.19
CA CYS A 402 -12.50 0.17 0.99
C CYS A 402 -13.36 -0.77 1.84
N VAL A 403 -13.84 -0.21 2.93
CA VAL A 403 -14.95 -0.75 3.77
C VAL A 403 -15.94 0.40 3.93
N VAL A 404 -17.21 0.12 3.67
CA VAL A 404 -18.29 1.15 3.72
C VAL A 404 -19.42 0.57 4.56
N LYS A 405 -19.87 1.29 5.58
CA LYS A 405 -21.12 0.98 6.32
C LYS A 405 -22.17 2.03 5.95
N PRO A 406 -22.96 1.79 4.87
CA PRO A 406 -23.94 2.78 4.42
C PRO A 406 -25.12 2.93 5.38
N LEU A 407 -25.94 3.95 5.12
CA LEU A 407 -27.16 4.23 5.92
C LEU A 407 -28.09 3.01 5.96
N ASP A 408 -28.15 2.23 4.89
CA ASP A 408 -29.02 1.02 4.83
C ASP A 408 -28.55 0.16 3.67
N ASP A 409 -29.23 -0.94 3.35
CA ASP A 409 -28.72 -1.91 2.35
C ASP A 409 -29.19 -1.58 0.92
N ARG A 410 -29.83 -0.44 0.66
CA ARG A 410 -30.08 -0.01 -0.75
C ARG A 410 -28.76 0.09 -1.50
N PHE A 411 -27.67 0.45 -0.81
CA PHE A 411 -26.28 0.52 -1.32
C PHE A 411 -25.90 -0.75 -2.09
N ALA A 412 -26.31 -1.96 -1.64
CA ALA A 412 -25.94 -3.26 -2.23
C ALA A 412 -26.28 -3.30 -3.73
N SER A 413 -27.42 -2.71 -4.13
CA SER A 413 -27.86 -2.77 -5.54
C SER A 413 -27.75 -1.40 -6.21
N ALA A 414 -27.02 -0.45 -5.62
CA ALA A 414 -26.78 0.89 -6.21
C ALA A 414 -25.51 0.79 -7.04
N LEU A 415 -25.62 0.40 -8.32
CA LEU A 415 -24.44 -0.03 -9.11
C LEU A 415 -24.25 0.81 -10.38
N THR A 416 -25.17 1.70 -10.75
CA THR A 416 -25.12 2.35 -12.08
C THR A 416 -23.91 3.32 -12.14
N ALA A 417 -23.75 4.18 -11.14
CA ALA A 417 -22.62 5.14 -11.09
C ALA A 417 -21.31 4.35 -10.96
N LEU A 418 -21.23 3.35 -10.06
CA LEU A 418 -19.97 2.59 -9.82
C LEU A 418 -19.50 1.94 -11.12
N ASN A 419 -20.42 1.32 -11.86
CA ASN A 419 -20.08 0.64 -13.13
C ASN A 419 -19.74 1.70 -14.17
N ASP A 420 -20.49 2.80 -14.24
CA ASP A 420 -20.29 3.83 -15.29
C ASP A 420 -18.99 4.63 -15.04
N MET A 421 -18.53 4.75 -13.79
CA MET A 421 -17.21 5.37 -13.49
C MET A 421 -16.08 4.42 -13.87
N GLY A 422 -16.39 3.17 -14.25
CA GLY A 422 -15.40 2.13 -14.62
C GLY A 422 -14.91 1.31 -13.43
N LYS A 423 -15.42 1.52 -12.23
CA LYS A 423 -14.95 0.81 -11.00
C LYS A 423 -15.71 -0.52 -10.82
N VAL A 424 -15.56 -1.40 -11.80
CA VAL A 424 -16.27 -2.71 -11.90
C VAL A 424 -15.72 -3.62 -10.81
N ARG A 425 -16.62 -4.25 -10.05
CA ARG A 425 -16.30 -5.10 -8.89
C ARG A 425 -15.60 -6.37 -9.40
N LYS A 426 -14.76 -6.94 -8.54
CA LYS A 426 -14.10 -8.25 -8.74
C LYS A 426 -15.10 -9.37 -8.41
N ASP A 427 -14.93 -10.55 -9.02
CA ASP A 427 -15.52 -11.84 -8.59
C ASP A 427 -17.05 -11.75 -8.40
N ILE A 428 -17.78 -10.99 -9.23
CA ILE A 428 -19.26 -10.88 -9.11
C ILE A 428 -19.73 -10.38 -10.47
N GLN A 429 -20.96 -10.74 -10.87
CA GLN A 429 -21.59 -10.33 -12.16
C GLN A 429 -21.98 -8.85 -12.07
N GLN A 430 -21.81 -8.12 -13.17
CA GLN A 430 -21.87 -6.64 -13.24
C GLN A 430 -23.07 -6.10 -12.44
N TRP A 431 -24.24 -6.74 -12.57
CA TRP A 431 -25.51 -6.20 -12.01
C TRP A 431 -26.01 -6.99 -10.79
N GLU A 432 -25.25 -7.97 -10.30
CA GLU A 432 -25.63 -8.73 -9.08
C GLU A 432 -25.34 -7.82 -7.88
N PRO A 433 -26.29 -7.72 -6.93
CA PRO A 433 -26.11 -6.91 -5.73
C PRO A 433 -24.91 -7.41 -4.93
N SER A 434 -24.16 -6.48 -4.32
CA SER A 434 -23.00 -6.79 -3.45
C SER A 434 -23.42 -7.65 -2.25
N ARG A 435 -22.57 -8.60 -1.86
CA ARG A 435 -22.70 -9.38 -0.59
C ARG A 435 -22.04 -8.58 0.54
N GLY A 436 -22.78 -8.18 1.56
CA GLY A 436 -22.22 -7.44 2.71
C GLY A 436 -21.83 -8.38 3.84
N TRP A 437 -21.17 -7.85 4.86
CA TRP A 437 -20.72 -8.59 6.04
C TRP A 437 -21.55 -8.12 7.23
N ASN A 438 -22.05 -9.07 8.03
CA ASN A 438 -22.87 -8.75 9.20
C ASN A 438 -22.02 -8.52 10.44
N ASP A 439 -20.72 -8.86 10.42
CA ASP A 439 -19.90 -8.82 11.67
C ASP A 439 -18.56 -8.21 11.28
N TRP A 440 -18.18 -7.11 11.92
CA TRP A 440 -16.94 -6.36 11.62
C TRP A 440 -15.71 -7.28 11.73
N THR A 441 -15.79 -8.32 12.54
CA THR A 441 -14.66 -9.28 12.73
C THR A 441 -14.50 -10.20 11.52
N GLN A 442 -15.42 -10.18 10.56
CA GLN A 442 -15.36 -11.01 9.34
C GLN A 442 -14.91 -10.20 8.13
N VAL A 443 -14.97 -8.88 8.21
CA VAL A 443 -14.70 -7.96 7.05
C VAL A 443 -13.23 -8.04 6.66
N PRO A 444 -12.89 -8.24 5.37
CA PRO A 444 -11.51 -8.11 4.94
C PRO A 444 -11.09 -6.64 4.72
N PHE A 445 -9.86 -6.29 5.11
CA PHE A 445 -9.34 -4.92 4.85
C PHE A 445 -7.82 -4.97 4.92
N CYS A 446 -7.14 -4.42 3.92
CA CYS A 446 -5.64 -4.35 3.89
C CYS A 446 -5.05 -5.76 4.12
N SER A 447 -5.63 -6.78 3.47
CA SER A 447 -5.17 -8.19 3.47
C SER A 447 -5.35 -8.87 4.84
N HIS A 448 -6.12 -8.31 5.76
CA HIS A 448 -6.32 -8.84 7.13
C HIS A 448 -7.82 -8.97 7.43
N HIS A 449 -8.08 -9.69 8.50
CA HIS A 449 -9.31 -9.57 9.30
C HIS A 449 -8.88 -9.29 10.72
N PHE A 450 -9.84 -9.07 11.60
CA PHE A 450 -9.55 -8.55 12.95
C PHE A 450 -10.35 -9.30 14.00
N HIS A 451 -9.69 -9.63 15.11
CA HIS A 451 -10.28 -10.39 16.23
C HIS A 451 -10.44 -9.49 17.45
N GLU A 452 -11.48 -9.71 18.24
CA GLU A 452 -11.67 -9.06 19.57
C GLU A 452 -11.12 -10.04 20.63
N LEU A 453 -10.10 -9.66 21.36
CA LEU A 453 -9.38 -10.62 22.24
C LEU A 453 -9.39 -10.06 23.66
N ILE A 454 -9.91 -10.82 24.62
CA ILE A 454 -10.08 -10.25 25.98
C ILE A 454 -8.95 -10.75 26.86
N MET A 455 -8.23 -9.82 27.46
CA MET A 455 -7.09 -10.15 28.35
C MET A 455 -7.66 -10.71 29.66
N LYS A 456 -6.87 -11.54 30.34
N LYS A 456 -6.86 -11.54 30.34
CA LYS A 456 -7.26 -12.15 31.64
CA LYS A 456 -7.23 -12.16 31.65
C LYS A 456 -7.71 -11.06 32.62
C LYS A 456 -7.72 -11.06 32.59
N ASP A 457 -7.18 -9.84 32.48
CA ASP A 457 -7.56 -8.68 33.34
C ASP A 457 -8.78 -7.91 32.82
N GLY A 458 -9.49 -8.39 31.78
CA GLY A 458 -10.73 -7.77 31.30
C GLY A 458 -10.53 -6.74 30.19
N ARG A 459 -9.32 -6.29 29.91
CA ARG A 459 -9.13 -5.20 28.93
C ARG A 459 -9.27 -5.84 27.52
N VAL A 460 -9.66 -5.04 26.55
CA VAL A 460 -10.01 -5.51 25.19
C VAL A 460 -8.94 -5.12 24.20
N LEU A 461 -8.41 -6.12 23.49
CA LEU A 461 -7.49 -5.86 22.37
C LEU A 461 -8.25 -6.18 21.08
N VAL A 462 -8.10 -5.34 20.07
CA VAL A 462 -8.56 -5.66 18.68
C VAL A 462 -7.29 -5.88 17.86
N VAL A 463 -7.08 -7.11 17.40
CA VAL A 463 -5.81 -7.54 16.80
C VAL A 463 -5.95 -7.90 15.33
N PRO A 464 -4.89 -7.63 14.55
CA PRO A 464 -4.83 -7.98 13.14
C PRO A 464 -4.52 -9.48 12.94
N CYS A 465 -4.99 -10.07 11.86
CA CYS A 465 -4.80 -11.52 11.63
C CYS A 465 -4.88 -11.82 10.13
N ARG A 466 -4.21 -12.86 9.69
CA ARG A 466 -4.44 -13.42 8.35
C ARG A 466 -3.97 -14.86 8.39
N ASN A 467 -4.33 -15.59 7.35
CA ASN A 467 -4.00 -17.04 7.34
C ASN A 467 -2.49 -17.17 7.63
N GLN A 468 -2.11 -18.07 8.53
CA GLN A 468 -0.71 -18.11 9.03
C GLN A 468 0.24 -18.61 7.95
N ASP A 469 -0.23 -19.41 6.99
CA ASP A 469 0.69 -19.84 5.90
C ASP A 469 1.21 -18.63 5.13
N GLU A 470 0.37 -17.61 4.94
CA GLU A 470 0.76 -16.38 4.21
C GLU A 470 1.86 -15.66 4.99
N LEU A 471 1.74 -15.60 6.31
CA LEU A 471 2.73 -14.87 7.13
C LEU A 471 4.08 -15.60 7.11
N ILE A 472 4.05 -16.91 7.34
CA ILE A 472 5.31 -17.70 7.38
C ILE A 472 5.95 -17.70 5.99
N GLY A 473 5.14 -17.89 4.97
CA GLY A 473 5.68 -17.93 3.59
C GLY A 473 6.40 -16.63 3.23
N ARG A 474 5.84 -15.50 3.63
CA ARG A 474 6.44 -14.18 3.29
C ARG A 474 7.76 -13.98 4.05
N ALA A 475 7.80 -14.36 5.32
CA ALA A 475 9.02 -14.19 6.15
C ALA A 475 10.16 -15.07 5.64
N ARG A 476 9.83 -16.13 4.90
CA ARG A 476 10.87 -17.05 4.39
C ARG A 476 11.45 -16.52 3.07
N ILE A 477 11.00 -15.34 2.63
CA ILE A 477 11.44 -14.81 1.32
C ILE A 477 12.21 -13.50 1.41
N SER A 478 13.26 -13.36 0.60
N SER A 478 13.26 -13.36 0.60
CA SER A 478 14.05 -12.10 0.56
CA SER A 478 14.05 -12.10 0.56
C SER A 478 14.19 -11.68 -0.90
C SER A 478 14.20 -11.68 -0.90
N GLN A 479 14.45 -10.39 -1.14
CA GLN A 479 14.59 -9.89 -2.52
C GLN A 479 15.97 -9.28 -2.73
N GLY A 480 16.57 -9.44 -3.92
CA GLY A 480 17.86 -8.80 -4.23
C GLY A 480 19.04 -9.71 -3.94
N ALA A 481 20.22 -9.32 -4.43
CA ALA A 481 21.48 -10.10 -4.33
C ALA A 481 22.39 -9.53 -3.24
N GLY A 482 23.45 -10.27 -2.94
CA GLY A 482 24.58 -9.83 -2.10
C GLY A 482 24.20 -9.78 -0.65
N TRP A 483 23.23 -10.58 -0.20
CA TRP A 483 22.91 -10.62 1.26
C TRP A 483 24.00 -11.38 2.02
N SER A 484 24.65 -10.75 2.98
CA SER A 484 25.51 -11.45 3.94
C SER A 484 24.64 -12.32 4.86
N LEU A 485 25.26 -13.21 5.63
CA LEU A 485 24.54 -13.96 6.69
C LEU A 485 24.00 -12.99 7.76
N ARG A 486 24.79 -11.97 8.14
CA ARG A 486 24.32 -10.98 9.12
C ARG A 486 23.10 -10.23 8.57
N GLU A 487 23.13 -9.78 7.32
CA GLU A 487 21.98 -9.02 6.77
C GLU A 487 20.73 -9.94 6.69
N THR A 488 20.94 -11.21 6.34
CA THR A 488 19.82 -12.19 6.26
C THR A 488 19.24 -12.38 7.68
N ALA A 489 20.09 -12.57 8.69
CA ALA A 489 19.65 -12.70 10.09
C ALA A 489 18.87 -11.45 10.55
N CYS A 490 19.34 -10.25 10.20
CA CYS A 490 18.70 -9.00 10.65
C CYS A 490 17.31 -8.86 9.96
N LEU A 491 17.14 -9.30 8.72
CA LEU A 491 15.80 -9.36 8.06
C LEU A 491 14.90 -10.38 8.77
N GLY A 492 15.43 -11.53 9.16
CA GLY A 492 14.64 -12.48 9.96
C GLY A 492 14.17 -11.89 11.26
N LYS A 493 15.04 -11.14 11.93
CA LYS A 493 14.72 -10.47 13.19
C LYS A 493 13.64 -9.42 12.98
N SER A 494 13.64 -8.69 11.89
CA SER A 494 12.54 -7.74 11.55
C SER A 494 11.19 -8.48 11.51
N TYR A 495 11.11 -9.59 10.79
CA TYR A 495 9.86 -10.38 10.75
C TYR A 495 9.47 -10.83 12.15
N ALA A 496 10.41 -11.39 12.90
CA ALA A 496 10.14 -11.90 14.28
C ALA A 496 9.55 -10.80 15.15
N GLN A 497 10.16 -9.62 15.14
CA GLN A 497 9.69 -8.52 16.02
C GLN A 497 8.30 -8.01 15.54
N MET A 498 8.04 -8.02 14.22
CA MET A 498 6.69 -7.71 13.70
C MET A 498 5.71 -8.74 14.25
N TRP A 499 6.05 -10.02 14.18
CA TRP A 499 5.14 -11.06 14.73
C TRP A 499 4.84 -10.83 16.24
N SER A 500 5.88 -10.51 17.04
N SER A 500 5.86 -10.50 17.05
CA SER A 500 5.76 -10.26 18.50
CA SER A 500 5.72 -10.29 18.52
C SER A 500 4.84 -9.07 18.78
C SER A 500 4.86 -9.05 18.80
N LEU A 501 4.81 -8.08 17.88
CA LEU A 501 3.96 -6.87 18.07
C LEU A 501 2.54 -7.02 17.50
N MET A 502 2.36 -7.66 16.34
CA MET A 502 1.09 -7.63 15.61
C MET A 502 0.40 -9.00 15.75
N TYR A 503 1.15 -10.10 15.83
CA TYR A 503 0.58 -11.46 15.71
C TYR A 503 0.92 -12.34 16.92
N PHE A 504 1.17 -11.71 18.08
CA PHE A 504 1.50 -12.37 19.36
C PHE A 504 0.43 -13.37 19.78
N HIS A 505 -0.79 -13.17 19.29
CA HIS A 505 -1.99 -13.97 19.63
C HIS A 505 -2.03 -15.30 18.87
N ARG A 506 -1.09 -15.52 17.94
CA ARG A 506 -0.96 -16.78 17.16
C ARG A 506 0.14 -17.61 17.83
N ARG A 507 -0.23 -18.74 18.45
CA ARG A 507 0.73 -19.59 19.20
C ARG A 507 2.01 -19.84 18.39
N ASP A 508 1.92 -20.27 17.15
CA ASP A 508 3.09 -20.68 16.35
C ASP A 508 4.00 -19.46 16.10
N LEU A 509 3.42 -18.27 15.90
CA LEU A 509 4.22 -17.08 15.53
C LEU A 509 4.88 -16.55 16.79
N ARG A 510 4.24 -16.62 17.94
CA ARG A 510 4.91 -16.09 19.17
C ARG A 510 6.11 -17.01 19.44
N LEU A 511 5.94 -18.32 19.28
CA LEU A 511 7.05 -19.29 19.53
C LEU A 511 8.16 -19.06 18.51
N ALA A 512 7.85 -18.98 17.23
CA ALA A 512 8.87 -18.83 16.15
C ALA A 512 9.58 -17.47 16.31
N ALA A 513 8.84 -16.43 16.70
CA ALA A 513 9.43 -15.09 16.93
C ALA A 513 10.45 -15.16 18.06
N ASN A 514 10.07 -15.75 19.17
CA ASN A 514 11.03 -15.95 20.30
C ASN A 514 12.24 -16.76 19.83
N ALA A 515 12.05 -17.82 19.06
CA ALA A 515 13.18 -18.64 18.56
C ALA A 515 14.11 -17.78 17.69
N ILE A 516 13.58 -17.03 16.73
CA ILE A 516 14.42 -16.23 15.80
C ILE A 516 15.19 -15.20 16.65
N CYS A 517 14.51 -14.49 17.56
CA CYS A 517 15.18 -13.45 18.39
C CYS A 517 16.23 -14.10 19.29
N SER A 518 16.09 -15.37 19.62
CA SER A 518 17.08 -16.10 20.47
C SER A 518 18.27 -16.48 19.60
N ALA A 519 18.05 -16.70 18.30
CA ALA A 519 19.06 -17.24 17.36
C ALA A 519 19.91 -16.15 16.73
N VAL A 520 19.45 -14.90 16.74
CA VAL A 520 20.14 -13.76 16.12
C VAL A 520 20.80 -12.98 17.26
N PRO A 521 22.08 -12.54 17.12
CA PRO A 521 22.70 -11.80 18.21
C PRO A 521 21.82 -10.65 18.73
N SER A 522 21.73 -10.52 20.05
N SER A 522 21.77 -10.53 20.06
CA SER A 522 20.76 -9.63 20.76
CA SER A 522 20.84 -9.64 20.82
C SER A 522 20.91 -8.18 20.29
C SER A 522 20.91 -8.20 20.30
N HIS A 523 22.13 -7.68 20.03
CA HIS A 523 22.34 -6.25 19.66
C HIS A 523 22.31 -5.99 18.15
N TRP A 524 22.16 -7.01 17.31
CA TRP A 524 22.12 -6.78 15.85
C TRP A 524 20.81 -6.09 15.49
N VAL A 525 20.88 -5.11 14.60
CA VAL A 525 19.75 -4.18 14.36
C VAL A 525 18.87 -4.77 13.26
N PRO A 526 17.57 -4.91 13.48
CA PRO A 526 16.71 -5.35 12.38
C PRO A 526 16.77 -4.44 11.14
N THR A 527 16.70 -5.06 9.97
CA THR A 527 16.81 -4.37 8.67
C THR A 527 15.75 -4.86 7.71
N SER A 528 15.53 -4.03 6.71
CA SER A 528 14.68 -4.27 5.52
C SER A 528 15.34 -3.48 4.39
N ARG A 529 15.22 -3.92 3.14
CA ARG A 529 15.68 -3.14 1.95
C ARG A 529 14.53 -2.27 1.42
N THR A 530 13.27 -2.55 1.78
CA THR A 530 12.09 -1.68 1.50
C THR A 530 11.25 -1.50 2.78
N THR A 531 11.10 -0.25 3.24
CA THR A 531 10.42 0.12 4.52
C THR A 531 8.95 0.46 4.25
N ALA A 536 2.20 2.58 6.58
CA ALA A 536 1.96 2.17 7.98
C ALA A 536 3.20 2.46 8.85
N THR A 537 3.06 2.29 10.16
CA THR A 537 4.09 2.62 11.18
C THR A 537 4.77 1.31 11.61
N HIS A 538 6.09 1.24 11.49
N HIS A 538 6.10 1.26 11.50
CA HIS A 538 6.90 0.01 11.72
CA HIS A 538 6.95 0.05 11.71
C HIS A 538 7.58 0.09 13.09
C HIS A 538 7.60 0.10 13.10
N GLU A 539 6.79 -0.04 14.15
CA GLU A 539 7.28 0.05 15.55
C GLU A 539 8.21 -1.11 15.91
N TRP A 540 8.19 -2.22 15.15
CA TRP A 540 9.07 -3.38 15.41
C TRP A 540 10.49 -3.13 14.90
N MET A 541 10.73 -2.03 14.18
CA MET A 541 12.07 -1.77 13.63
C MET A 541 12.87 -1.00 14.70
N THR A 542 13.46 -1.72 15.64
CA THR A 542 14.06 -1.14 16.88
C THR A 542 14.88 -2.20 17.58
N THR A 543 15.87 -1.83 18.42
CA THR A 543 16.58 -2.77 19.33
C THR A 543 16.05 -2.66 20.76
N GLU A 544 14.98 -1.89 21.01
CA GLU A 544 14.32 -1.82 22.33
C GLU A 544 13.70 -3.18 22.67
N ASP A 545 13.64 -3.53 23.97
CA ASP A 545 12.88 -4.69 24.50
C ASP A 545 11.51 -4.71 23.81
N MET A 546 11.05 -5.84 23.29
CA MET A 546 9.75 -5.88 22.57
C MET A 546 8.60 -5.87 23.59
N LEU A 547 8.82 -6.25 24.85
CA LEU A 547 7.75 -6.11 25.89
C LEU A 547 7.49 -4.61 26.12
N THR A 548 8.53 -3.78 26.21
CA THR A 548 8.41 -2.32 26.38
C THR A 548 7.66 -1.71 25.18
N VAL A 549 8.01 -2.14 23.97
CA VAL A 549 7.35 -1.67 22.73
C VAL A 549 5.88 -2.11 22.74
N TRP A 550 5.61 -3.35 23.15
CA TRP A 550 4.23 -3.89 23.16
C TRP A 550 3.40 -2.98 24.08
N ASN A 551 3.91 -2.70 25.28
CA ASN A 551 3.21 -1.84 26.26
C ASN A 551 2.95 -0.45 25.64
N ARG A 552 3.92 0.14 24.97
CA ARG A 552 3.76 1.50 24.41
C ARG A 552 2.62 1.45 23.37
N VAL A 553 2.64 0.47 22.49
CA VAL A 553 1.72 0.44 21.31
C VAL A 553 0.30 0.05 21.77
N TRP A 554 0.16 -1.01 22.56
CA TRP A 554 -1.15 -1.60 22.88
C TRP A 554 -1.80 -1.01 24.13
N ILE A 555 -1.02 -0.35 25.00
CA ILE A 555 -1.57 0.19 26.28
C ILE A 555 -1.40 1.70 26.29
N GLN A 556 -0.15 2.19 26.38
CA GLN A 556 0.12 3.63 26.70
C GLN A 556 -0.50 4.52 25.62
N GLU A 557 -0.20 4.24 24.35
CA GLU A 557 -0.54 5.12 23.22
C GLU A 557 -1.86 4.70 22.55
N ASN A 558 -2.53 3.68 23.08
CA ASN A 558 -3.76 3.12 22.45
C ASN A 558 -4.96 3.93 22.93
N PRO A 559 -5.59 4.77 22.08
CA PRO A 559 -6.68 5.64 22.52
C PRO A 559 -7.97 4.87 22.86
N TRP A 560 -8.05 3.59 22.52
CA TRP A 560 -9.22 2.76 22.89
C TRP A 560 -9.04 2.02 24.22
N MET A 561 -7.90 2.15 24.90
CA MET A 561 -7.57 1.46 26.20
C MET A 561 -7.61 2.53 27.31
N GLU A 562 -8.65 2.54 28.14
CA GLU A 562 -8.79 3.56 29.22
C GLU A 562 -7.79 3.26 30.36
N ASP A 563 -7.68 2.01 30.79
CA ASP A 563 -6.80 1.59 31.91
C ASP A 563 -5.37 1.47 31.36
N LYS A 564 -4.45 2.29 31.85
CA LYS A 564 -3.06 2.34 31.34
C LYS A 564 -2.12 1.48 32.19
N THR A 565 -2.62 0.51 32.95
CA THR A 565 -1.72 -0.33 33.79
C THR A 565 -0.80 -1.14 32.88
N PRO A 566 0.55 -1.00 33.01
CA PRO A 566 1.48 -1.73 32.15
C PRO A 566 1.36 -3.24 32.37
N VAL A 567 1.68 -4.00 31.34
CA VAL A 567 1.76 -5.48 31.43
C VAL A 567 3.20 -5.80 31.86
N GLU A 568 3.39 -6.71 32.81
CA GLU A 568 4.73 -6.95 33.42
C GLU A 568 5.42 -8.12 32.74
N SER A 569 4.70 -9.00 32.03
CA SER A 569 5.33 -10.17 31.37
C SER A 569 4.50 -10.63 30.17
N TRP A 570 5.14 -11.36 29.29
CA TRP A 570 4.47 -11.88 28.06
C TRP A 570 3.33 -12.85 28.46
N GLU A 571 3.38 -13.49 29.63
CA GLU A 571 2.32 -14.46 30.04
C GLU A 571 1.00 -13.74 30.32
N GLU A 572 1.00 -12.45 30.61
CA GLU A 572 -0.26 -11.65 30.71
C GLU A 572 -0.91 -11.39 29.34
N ILE A 573 -0.21 -11.63 28.24
CA ILE A 573 -0.68 -11.24 26.88
C ILE A 573 -1.33 -12.49 26.27
N PRO A 574 -2.63 -12.41 25.93
CA PRO A 574 -3.41 -13.59 25.54
C PRO A 574 -3.17 -14.06 24.09
N TYR A 575 -3.61 -15.28 23.84
CA TYR A 575 -3.74 -15.88 22.50
C TYR A 575 -5.20 -15.89 22.08
N LEU A 576 -5.43 -16.08 20.77
CA LEU A 576 -6.74 -16.51 20.26
C LEU A 576 -7.13 -17.81 20.98
N GLY A 577 -8.42 -18.15 20.98
CA GLY A 577 -8.84 -19.54 21.35
C GLY A 577 -8.08 -20.56 20.50
N LYS A 578 -7.87 -21.75 21.06
CA LYS A 578 -7.13 -22.86 20.40
C LYS A 578 -7.81 -23.20 19.06
N ARG A 579 -9.14 -23.26 19.02
CA ARG A 579 -9.87 -23.63 17.80
C ARG A 579 -9.79 -22.48 16.78
N GLU A 580 -9.88 -21.25 17.23
CA GLU A 580 -9.78 -20.06 16.31
C GLU A 580 -8.37 -20.00 15.71
N ASP A 581 -7.35 -20.31 16.51
CA ASP A 581 -5.92 -20.31 16.05
C ASP A 581 -5.79 -21.32 14.89
N GLN A 582 -6.38 -22.50 15.07
CA GLN A 582 -6.39 -23.61 14.06
C GLN A 582 -7.19 -23.18 12.82
N TRP A 583 -8.33 -22.52 13.00
CA TRP A 583 -9.14 -21.96 11.86
C TRP A 583 -8.27 -21.01 11.00
N CYS A 584 -7.43 -20.21 11.66
CA CYS A 584 -6.58 -19.20 10.98
C CYS A 584 -5.20 -19.75 10.62
N GLY A 585 -5.03 -21.09 10.57
CA GLY A 585 -3.88 -21.79 9.95
C GLY A 585 -2.87 -22.35 10.93
N SER A 586 -3.09 -22.29 12.24
CA SER A 586 -2.13 -22.82 13.25
C SER A 586 -1.88 -24.32 12.99
N LEU A 587 -0.68 -24.77 13.30
CA LEU A 587 -0.35 -26.22 13.28
C LEU A 587 -0.48 -26.87 14.66
N ILE A 588 -0.96 -26.16 15.69
CA ILE A 588 -1.23 -26.80 17.01
C ILE A 588 -2.11 -28.02 16.74
N GLY A 589 -1.72 -29.15 17.31
CA GLY A 589 -2.48 -30.41 17.09
C GLY A 589 -1.68 -31.41 16.29
N LEU A 590 -0.72 -30.92 15.50
CA LEU A 590 0.09 -31.83 14.64
C LEU A 590 1.32 -32.33 15.39
N THR A 591 1.68 -33.59 15.16
CA THR A 591 2.90 -34.16 15.81
C THR A 591 4.13 -33.37 15.34
N SER A 592 4.16 -32.97 14.06
CA SER A 592 5.32 -32.22 13.51
C SER A 592 5.56 -30.96 14.34
N ARG A 593 4.50 -30.21 14.62
CA ARG A 593 4.58 -28.95 15.40
C ARG A 593 5.01 -29.23 16.84
N ALA A 594 4.50 -30.33 17.43
CA ALA A 594 4.94 -30.69 18.80
C ALA A 594 6.46 -31.00 18.82
N THR A 595 6.98 -31.66 17.79
CA THR A 595 8.42 -31.99 17.87
C THR A 595 9.22 -30.70 17.76
N TRP A 596 8.83 -29.85 16.84
CA TRP A 596 9.48 -28.52 16.68
C TRP A 596 9.51 -27.77 18.01
N ALA A 597 8.35 -27.62 18.62
CA ALA A 597 8.27 -26.84 19.87
C ALA A 597 9.15 -27.47 20.97
N LYS A 598 9.00 -28.77 21.19
CA LYS A 598 9.78 -29.43 22.28
C LYS A 598 11.29 -29.37 21.99
N ASN A 599 11.70 -29.43 20.74
CA ASN A 599 13.14 -29.46 20.37
C ASN A 599 13.63 -28.07 19.92
N ILE A 600 12.93 -27.00 20.24
CA ILE A 600 13.26 -25.66 19.62
C ILE A 600 14.70 -25.21 19.95
N GLN A 601 15.22 -25.53 21.14
N GLN A 601 15.21 -25.54 21.13
CA GLN A 601 16.60 -25.11 21.53
CA GLN A 601 16.59 -25.10 21.53
C GLN A 601 17.62 -25.72 20.55
C GLN A 601 17.62 -25.73 20.57
N THR A 602 17.38 -26.93 20.05
CA THR A 602 18.26 -27.57 19.03
C THR A 602 18.26 -26.76 17.72
N ALA A 603 17.12 -26.21 17.32
CA ALA A 603 17.01 -25.42 16.07
C ALA A 603 17.72 -24.10 16.28
N ILE A 604 17.49 -23.51 17.45
CA ILE A 604 18.11 -22.21 17.84
C ILE A 604 19.63 -22.38 17.80
N ASN A 605 20.11 -23.49 18.37
CA ASN A 605 21.57 -23.79 18.45
C ASN A 605 22.12 -24.04 17.04
N GLN A 606 21.36 -24.64 16.12
CA GLN A 606 21.84 -24.83 14.74
C GLN A 606 22.15 -23.48 14.11
N VAL A 607 21.25 -22.52 14.25
CA VAL A 607 21.42 -21.19 13.65
C VAL A 607 22.55 -20.43 14.37
N ARG A 608 22.62 -20.51 15.70
CA ARG A 608 23.74 -19.84 16.45
C ARG A 608 25.09 -20.40 15.99
N SER A 609 25.19 -21.69 15.75
CA SER A 609 26.47 -22.33 15.29
C SER A 609 26.84 -21.81 13.90
N LEU A 610 25.87 -21.55 13.01
CA LEU A 610 26.19 -21.01 11.67
C LEU A 610 26.65 -19.55 11.79
N ILE A 611 26.01 -18.74 12.63
CA ILE A 611 26.31 -17.28 12.73
C ILE A 611 27.64 -17.14 13.46
N GLY A 612 27.88 -17.97 14.46
CA GLY A 612 29.20 -18.07 15.14
C GLY A 612 29.17 -17.54 16.57
N ASN A 613 30.33 -17.17 17.09
CA ASN A 613 30.48 -16.88 18.54
C ASN A 613 30.16 -15.39 18.80
N GLU A 614 28.91 -15.10 19.11
CA GLU A 614 28.33 -13.76 19.20
C GLU A 614 27.60 -13.72 20.53
N GLU A 615 27.10 -12.58 20.92
CA GLU A 615 26.31 -12.50 22.18
C GLU A 615 24.84 -12.75 21.81
N TYR A 616 24.23 -13.76 22.44
CA TYR A 616 22.81 -14.16 22.26
C TYR A 616 22.08 -14.10 23.59
N THR A 617 20.75 -13.87 23.53
CA THR A 617 19.81 -13.91 24.68
C THR A 617 18.84 -15.08 24.45
N ASP A 618 18.51 -15.84 25.50
CA ASP A 618 17.43 -16.85 25.42
C ASP A 618 16.09 -16.17 25.73
N TYR A 619 15.22 -16.00 24.73
CA TYR A 619 13.85 -15.44 24.95
C TYR A 619 12.82 -16.57 25.18
N MET A 620 13.17 -17.86 25.08
CA MET A 620 12.13 -18.92 25.17
C MET A 620 11.49 -18.96 26.57
N PRO A 621 12.18 -18.75 27.72
CA PRO A 621 11.51 -18.78 29.03
C PRO A 621 10.50 -17.65 29.33
N SER A 622 10.32 -16.67 28.42
CA SER A 622 9.21 -15.67 28.40
C SER A 622 7.88 -16.39 28.09
N MET A 623 7.95 -17.64 27.66
CA MET A 623 6.76 -18.51 27.42
C MET A 623 6.63 -19.54 28.55
N LYS A 624 5.40 -19.73 29.05
CA LYS A 624 5.05 -20.66 30.16
C LYS A 624 5.76 -22.03 30.05
N ARG A 625 5.68 -22.67 28.88
CA ARG A 625 6.11 -24.09 28.68
C ARG A 625 7.63 -24.23 28.82
N PHE A 626 8.40 -23.17 28.53
CA PHE A 626 9.90 -23.20 28.59
C PHE A 626 10.34 -22.60 29.93
N ARG A 627 9.40 -22.01 30.66
CA ARG A 627 9.64 -21.47 32.04
C ARG A 627 9.51 -22.65 33.02
N ARG A 628 10.52 -23.54 33.04
CA ARG A 628 10.66 -24.68 34.00
C ARG A 628 9.42 -25.57 34.00
ZN ZN B . -7.70 -14.84 12.29
ZN ZN C . 9.38 16.26 -17.56
O1 MES D . 24.09 -20.13 5.65
O1 MES D . 23.44 -19.81 5.50
C2 MES D . 24.19 -21.34 4.93
C2 MES D . 23.53 -21.10 4.93
C3 MES D . 22.95 -21.58 4.12
C3 MES D . 22.18 -21.67 4.61
N4 MES D . 21.77 -21.66 5.03
N4 MES D . 21.36 -21.74 5.84
C5 MES D . 21.69 -20.44 5.88
C5 MES D . 21.29 -20.37 6.45
C6 MES D . 23.00 -20.17 6.57
C6 MES D . 22.69 -19.86 6.70
C7 MES D . 20.50 -21.92 4.27
C7 MES D . 19.98 -22.30 5.59
C8 MES D . 19.45 -22.50 5.19
C8 MES D . 19.62 -22.35 4.12
S MES D . 18.24 -23.51 4.35
S MES D . 18.19 -23.37 3.82
O1S MES D . 18.41 -24.78 4.94
O1S MES D . 18.26 -24.44 4.77
O2S MES D . 16.99 -22.87 4.67
O2S MES D . 17.05 -22.53 4.00
O3S MES D . 18.51 -23.51 2.94
O3S MES D . 18.32 -23.84 2.46
S DMS E . 11.58 -11.52 21.65
O DMS E . 10.65 -11.30 22.94
C1 DMS E . 12.28 -9.97 21.28
C2 DMS E . 10.34 -11.59 20.36
S DMS F . -0.97 -17.13 28.53
O DMS F . -0.97 -15.82 27.75
C1 DMS F . 0.66 -17.82 28.37
C2 DMS F . -1.87 -18.31 27.53
S DMS G . 9.41 -6.46 7.59
O DMS G . 9.66 -5.19 8.35
C1 DMS G . 7.83 -6.25 6.87
C2 DMS G . 8.91 -7.61 8.78
C1 PEG H . 10.66 2.47 15.03
O1 PEG H . 9.60 3.17 15.69
C2 PEG H . 11.00 3.05 13.69
O2 PEG H . 12.09 2.33 13.11
C3 PEG H . 12.63 2.93 11.93
C4 PEG H . 11.83 2.52 10.74
O4 PEG H . 12.61 1.90 9.73
P PO4 I . -11.55 -4.91 0.26
O1 PO4 I . -12.31 -6.42 0.01
O2 PO4 I . -12.51 -3.68 -0.52
O3 PO4 I . -11.58 -4.48 1.89
O4 PO4 I . -10.14 -4.94 -0.27
P PO4 J . -6.21 25.07 -13.54
O1 PO4 J . -5.76 23.81 -14.33
O2 PO4 J . -7.74 25.14 -13.55
O3 PO4 J . -5.69 24.99 -12.06
O4 PO4 J . -5.65 26.38 -14.22
C1 PEG K . -10.46 7.38 17.80
O1 PEG K . -9.21 7.74 18.35
C2 PEG K . -11.51 7.29 18.85
O2 PEG K . -10.91 6.83 20.06
C3 PEG K . -11.65 7.19 21.22
C4 PEG K . -12.51 6.06 21.67
O4 PEG K . -12.28 5.72 23.03
N1 NW4 L . -1.03 -32.73 20.94
C4 NW4 L . -1.88 -28.04 22.22
C5 NW4 L . -2.84 -26.89 21.93
C6 NW4 L . -2.45 -25.61 22.66
C7 NW4 L . -1.02 -25.21 22.31
C8 NW4 L . -0.06 -26.33 22.62
C10 NW4 L . -1.08 -33.55 19.72
C13 NW4 L . 0.10 -32.96 21.84
C1 NW4 L . -1.96 -31.78 21.20
C11 NW4 L . 0.29 -33.72 19.13
C12 NW4 L . 1.37 -33.18 21.06
C2 NW4 L . -1.50 -30.53 21.90
C3 NW4 L . -2.28 -29.29 21.44
C9 NW4 L . -0.46 -27.61 21.89
O1 NW4 L . -3.12 -31.91 20.84
O2 NW4 L . 1.19 -34.19 20.10
CL CL M . -20.59 -12.03 8.17
#